data_7UPM
#
_entry.id   7UPM
#
_cell.length_a   75.160
_cell.length_b   75.160
_cell.length_c   273.770
_cell.angle_alpha   90.00
_cell.angle_beta   90.00
_cell.angle_gamma   120.00
#
_symmetry.space_group_name_H-M   'P 65 2 2'
#
loop_
_entity.id
_entity.type
_entity.pdbx_description
1 polymer 'Tribbles homolog 2'
2 polymer 'Nb4.103 Nanobody'
3 water water
#
loop_
_entity_poly.entity_id
_entity_poly.type
_entity_poly.pdbx_seq_one_letter_code
_entity_poly.pdbx_strand_id
1 'polypeptide(L)'
;GPGNLSHCVSCIGKYLLLEPLEGDHVFRAVHLHSGEELVCKVFDISCYQESLAPCFCLSAHSNINQITEIILGETKAYVF
FERSYGDMHSFVRTCKKLREEEAARLFYQIASAVAHCHDGGLVLRDLKLRKFIFKDEERTRVKLESLEDAYILRGDDDSL
SDKHGCPAYVSPEILNTSGSYSGKAADVWSLGVMLYTMLVGRYPFHDIEPSSLFSKIRRGQFNIPETLSPKAKCLIRSIL
RREPSERLTSQEILDHPWFSTDFS
;
A
2 'polypeptide(L)'
;QVQLQESGGGLVQAGGSLRLSCAASGNISAQAYMGWYRQAPGKERELVAGISYGATTYYADSVKGRFTISRDNAKNTVYL
QMNSLKPEDTAVYYCAVISAGGGESIGYHFYWGQGTQVTVSS
;
B
#
# COMPACT_ATOMS: atom_id res chain seq x y z
N SER A 6 16.42 9.07 -13.80
CA SER A 6 17.08 7.93 -14.50
C SER A 6 17.58 6.90 -13.49
N HIS A 7 17.52 5.62 -13.88
CA HIS A 7 18.05 4.50 -13.09
C HIS A 7 19.03 3.68 -13.95
N CYS A 8 19.95 2.99 -13.29
CA CYS A 8 21.03 2.25 -13.97
C CYS A 8 20.57 0.94 -14.61
N VAL A 9 19.60 0.27 -13.97
CA VAL A 9 19.00 -0.96 -14.48
C VAL A 9 17.51 -0.79 -14.76
N SER A 10 16.99 -1.66 -15.64
CA SER A 10 15.58 -1.68 -16.01
C SER A 10 14.84 -2.83 -15.31
N CYS A 11 15.53 -3.96 -15.10
CA CYS A 11 14.93 -5.19 -14.62
C CYS A 11 15.70 -5.82 -13.46
N ILE A 12 14.94 -6.34 -12.49
CA ILE A 12 15.47 -7.17 -11.42
C ILE A 12 14.76 -8.51 -11.54
N GLY A 13 15.54 -9.56 -11.85
CA GLY A 13 14.98 -10.86 -12.17
C GLY A 13 14.02 -10.73 -13.34
N LYS A 14 12.77 -11.18 -13.13
CA LYS A 14 11.72 -11.12 -14.14
C LYS A 14 10.76 -9.95 -13.93
N TYR A 15 11.18 -8.98 -13.10
CA TYR A 15 10.39 -7.76 -12.75
C TYR A 15 10.98 -6.54 -13.47
N LEU A 16 10.18 -5.90 -14.32
CA LEU A 16 10.50 -4.60 -14.88
C LEU A 16 10.25 -3.54 -13.81
N LEU A 17 11.21 -2.65 -13.58
CA LEU A 17 11.05 -1.51 -12.67
C LEU A 17 10.38 -0.36 -13.40
N LEU A 18 9.67 0.49 -12.64
CA LEU A 18 8.89 1.59 -13.19
C LEU A 18 9.31 2.94 -12.64
N GLU A 19 8.92 3.20 -11.38
CA GLU A 19 9.01 4.54 -10.77
C GLU A 19 9.13 4.43 -9.25
N PRO A 20 9.96 5.27 -8.60
CA PRO A 20 10.06 5.27 -7.14
C PRO A 20 8.82 5.84 -6.43
N LEU A 21 8.27 5.10 -5.47
CA LEU A 21 7.15 5.53 -4.63
C LEU A 21 7.63 6.19 -3.33
N GLU A 22 8.93 6.04 -3.02
CA GLU A 22 9.53 6.52 -1.78
C GLU A 22 11.06 6.53 -1.89
N GLY A 23 11.63 7.68 -2.28
CA GLY A 23 13.05 7.86 -2.44
C GLY A 23 13.63 6.88 -3.45
N ASP A 24 14.69 6.17 -3.05
CA ASP A 24 15.25 5.05 -3.81
C ASP A 24 15.03 3.73 -3.05
N HIS A 25 13.94 3.68 -2.27
CA HIS A 25 13.68 2.58 -1.32
C HIS A 25 12.51 1.67 -1.74
N VAL A 26 11.43 2.28 -2.24
CA VAL A 26 10.28 1.54 -2.74
C VAL A 26 10.08 1.84 -4.23
N PHE A 27 10.07 0.78 -5.05
CA PHE A 27 9.84 0.86 -6.48
C PHE A 27 8.59 0.10 -6.90
N ARG A 28 7.86 0.64 -7.88
CA ARG A 28 6.79 -0.07 -8.61
C ARG A 28 7.45 -1.08 -9.57
N ALA A 29 6.78 -2.20 -9.83
CA ALA A 29 7.31 -3.23 -10.72
C ALA A 29 6.19 -4.02 -11.39
N VAL A 30 6.49 -4.53 -12.58
CA VAL A 30 5.60 -5.42 -13.33
C VAL A 30 6.36 -6.70 -13.65
N HIS A 31 5.73 -7.85 -13.36
CA HIS A 31 6.31 -9.15 -13.69
C HIS A 31 6.19 -9.34 -15.20
N LEU A 32 7.31 -9.70 -15.85
CA LEU A 32 7.40 -9.74 -17.31
C LEU A 32 6.59 -10.88 -17.94
N HIS A 33 6.58 -12.05 -17.30
CA HIS A 33 5.80 -13.20 -17.77
C HIS A 33 4.33 -13.10 -17.33
N SER A 34 4.12 -12.68 -16.08
CA SER A 34 2.80 -12.64 -15.45
C SER A 34 2.00 -11.36 -15.73
N GLY A 35 2.70 -10.24 -15.93
CA GLY A 35 2.10 -8.95 -16.21
C GLY A 35 1.45 -8.25 -15.02
N GLU A 36 1.61 -8.83 -13.82
CA GLU A 36 1.00 -8.33 -12.59
C GLU A 36 1.85 -7.23 -11.95
N GLU A 37 1.19 -6.19 -11.45
CA GLU A 37 1.86 -5.04 -10.83
C GLU A 37 2.12 -5.27 -9.34
N LEU A 38 3.40 -5.20 -8.97
CA LEU A 38 3.84 -5.38 -7.60
C LEU A 38 4.58 -4.13 -7.09
N VAL A 39 4.98 -4.18 -5.81
CA VAL A 39 5.79 -3.15 -5.18
C VAL A 39 7.04 -3.84 -4.63
N CYS A 40 8.19 -3.18 -4.80
CA CYS A 40 9.50 -3.73 -4.45
C CYS A 40 10.25 -2.82 -3.49
N LYS A 41 10.42 -3.30 -2.25
CA LYS A 41 11.17 -2.57 -1.22
C LYS A 41 12.64 -3.05 -1.16
N VAL A 42 13.56 -2.09 -1.18
CA VAL A 42 14.99 -2.35 -1.29
C VAL A 42 15.71 -2.23 0.06
N PHE A 43 16.37 -3.32 0.47
CA PHE A 43 17.20 -3.37 1.67
C PHE A 43 18.64 -3.65 1.29
N ASP A 44 19.57 -3.35 2.21
CA ASP A 44 20.96 -3.77 2.10
C ASP A 44 21.02 -5.25 2.51
N ILE A 45 21.78 -6.05 1.75
CA ILE A 45 21.93 -7.48 2.06
C ILE A 45 22.55 -7.75 3.43
N SER A 46 23.27 -6.75 3.96
CA SER A 46 23.92 -6.86 5.26
C SER A 46 22.95 -6.91 6.46
N CYS A 47 21.74 -6.36 6.28
CA CYS A 47 20.77 -6.22 7.37
C CYS A 47 19.28 -6.48 7.01
N TYR A 48 19.03 -7.20 5.90
CA TYR A 48 17.67 -7.44 5.36
C TYR A 48 16.97 -8.53 6.17
N GLN A 49 17.66 -9.65 6.46
CA GLN A 49 17.05 -10.76 7.19
C GLN A 49 16.83 -10.43 8.66
N GLU A 50 17.58 -9.44 9.18
CA GLU A 50 17.34 -8.87 10.49
C GLU A 50 16.06 -8.05 10.47
N SER A 51 16.00 -7.10 9.53
CA SER A 51 14.84 -6.22 9.34
C SER A 51 13.53 -6.98 9.09
N LEU A 52 13.63 -8.08 8.34
CA LEU A 52 12.47 -8.88 7.93
C LEU A 52 12.11 -10.02 8.90
N ALA A 53 12.92 -10.21 9.95
CA ALA A 53 12.71 -11.29 10.92
C ALA A 53 11.26 -11.40 11.41
N PRO A 54 10.62 -10.28 11.82
CA PRO A 54 9.23 -10.32 12.28
C PRO A 54 8.24 -10.76 11.20
N CYS A 55 8.56 -10.52 9.92
CA CYS A 55 7.71 -10.93 8.80
C CYS A 55 7.62 -12.46 8.65
N PHE A 56 8.61 -13.17 9.19
CA PHE A 56 8.69 -14.63 9.13
C PHE A 56 8.30 -15.33 10.43
N CYS A 57 7.62 -14.62 11.33
CA CYS A 57 7.18 -15.15 12.62
C CYS A 57 5.75 -15.68 12.60
N LEU A 58 4.86 -14.95 11.92
CA LEU A 58 3.44 -15.25 11.88
C LEU A 58 3.07 -16.04 10.63
N SER A 59 1.93 -16.73 10.70
CA SER A 59 1.29 -17.31 9.52
C SER A 59 0.68 -16.18 8.70
N ALA A 60 0.46 -16.45 7.41
CA ALA A 60 -0.11 -15.46 6.51
C ALA A 60 -1.51 -15.08 6.96
N HIS A 61 -1.83 -13.79 6.86
CA HIS A 61 -3.12 -13.24 7.23
C HIS A 61 -3.57 -12.28 6.13
N SER A 62 -4.88 -12.25 5.89
CA SER A 62 -5.48 -11.41 4.85
C SER A 62 -5.20 -9.91 5.03
N ASN A 63 -5.09 -9.47 6.29
CA ASN A 63 -4.90 -8.07 6.64
C ASN A 63 -3.49 -7.75 7.16
N ILE A 64 -2.50 -8.54 6.71
CA ILE A 64 -1.09 -8.28 6.95
C ILE A 64 -0.35 -8.56 5.65
N ASN A 65 0.38 -7.55 5.16
CA ASN A 65 1.13 -7.64 3.91
C ASN A 65 2.04 -8.87 3.93
N GLN A 66 2.03 -9.62 2.83
CA GLN A 66 2.80 -10.85 2.70
C GLN A 66 3.85 -10.69 1.62
N ILE A 67 5.07 -11.15 1.92
CA ILE A 67 6.19 -11.11 1.00
C ILE A 67 5.96 -12.14 -0.10
N THR A 68 5.96 -11.67 -1.36
CA THR A 68 5.74 -12.50 -2.53
C THR A 68 7.02 -13.23 -2.92
N GLU A 69 8.08 -12.46 -3.18
CA GLU A 69 9.38 -12.98 -3.61
C GLU A 69 10.50 -12.13 -3.01
N ILE A 70 11.69 -12.72 -2.88
CA ILE A 70 12.89 -12.03 -2.46
C ILE A 70 14.02 -12.38 -3.43
N ILE A 71 14.54 -11.35 -4.10
CA ILE A 71 15.69 -11.46 -4.99
C ILE A 71 16.90 -10.80 -4.34
N LEU A 72 17.99 -11.59 -4.22
CA LEU A 72 19.24 -11.13 -3.60
C LEU A 72 20.26 -10.73 -4.65
N GLY A 73 20.54 -9.43 -4.72
CA GLY A 73 21.58 -8.88 -5.58
C GLY A 73 22.95 -8.98 -4.89
N GLU A 74 23.91 -8.24 -5.44
CA GLU A 74 25.27 -8.18 -4.89
C GLU A 74 25.29 -7.32 -3.64
N THR A 75 24.65 -6.14 -3.72
CA THR A 75 24.64 -5.13 -2.66
C THR A 75 23.28 -4.95 -1.98
N LYS A 76 22.20 -5.28 -2.70
CA LYS A 76 20.84 -5.06 -2.23
C LYS A 76 19.99 -6.33 -2.27
N ALA A 77 19.01 -6.41 -1.36
CA ALA A 77 17.98 -7.43 -1.39
C ALA A 77 16.68 -6.76 -1.77
N TYR A 78 16.01 -7.29 -2.79
CA TYR A 78 14.76 -6.75 -3.39
C TYR A 78 13.57 -7.60 -2.94
N VAL A 79 12.77 -7.05 -2.01
CA VAL A 79 11.62 -7.74 -1.42
C VAL A 79 10.34 -7.23 -2.06
N PHE A 80 9.53 -8.17 -2.57
CA PHE A 80 8.34 -7.87 -3.36
C PHE A 80 7.02 -8.13 -2.61
N PHE A 81 6.08 -7.19 -2.76
CA PHE A 81 4.75 -7.25 -2.16
C PHE A 81 3.72 -6.92 -3.23
N GLU A 82 2.48 -7.38 -3.00
CA GLU A 82 1.35 -6.96 -3.82
C GLU A 82 1.04 -5.51 -3.47
N ARG A 83 0.73 -4.71 -4.50
CA ARG A 83 0.65 -3.22 -4.40
C ARG A 83 -0.52 -2.81 -3.50
N SER A 84 -0.55 -1.54 -3.10
CA SER A 84 -1.61 -0.95 -2.30
C SER A 84 -2.32 0.12 -3.12
N TYR A 85 -3.40 0.69 -2.57
CA TYR A 85 -4.28 1.70 -3.23
C TYR A 85 -4.66 2.80 -2.23
N GLY A 86 -3.69 3.28 -1.44
CA GLY A 86 -3.89 4.35 -0.48
C GLY A 86 -3.78 3.86 0.95
N ASP A 87 -4.00 4.78 1.89
CA ASP A 87 -3.92 4.48 3.32
C ASP A 87 -5.11 5.08 4.08
N MET A 88 -5.35 4.53 5.28
CA MET A 88 -6.49 4.90 6.12
C MET A 88 -6.52 6.36 6.53
N HIS A 89 -5.32 6.92 6.79
CA HIS A 89 -5.18 8.31 7.20
C HIS A 89 -5.70 9.23 6.09
N SER A 90 -5.14 9.08 4.89
CA SER A 90 -5.56 9.82 3.69
C SER A 90 -7.05 9.64 3.41
N PHE A 91 -7.56 8.43 3.70
CA PHE A 91 -8.95 8.08 3.46
C PHE A 91 -9.90 8.83 4.40
N VAL A 92 -9.53 8.91 5.68
CA VAL A 92 -10.32 9.57 6.70
C VAL A 92 -10.35 11.09 6.49
N ARG A 93 -9.18 11.66 6.14
CA ARG A 93 -9.00 13.10 5.79
C ARG A 93 -9.95 13.46 4.65
N THR A 94 -9.85 12.74 3.53
CA THR A 94 -10.65 12.97 2.33
C THR A 94 -12.16 12.85 2.60
N CYS A 95 -12.55 11.77 3.30
CA CYS A 95 -13.95 11.49 3.63
C CYS A 95 -14.50 12.37 4.76
N LYS A 96 -13.59 12.98 5.55
CA LYS A 96 -13.90 13.79 6.74
C LYS A 96 -14.11 12.90 7.97
N LYS A 97 -15.05 11.96 7.86
CA LYS A 97 -15.24 10.89 8.83
C LYS A 97 -15.99 9.75 8.15
N LEU A 98 -15.86 8.53 8.70
CA LEU A 98 -16.48 7.35 8.14
C LEU A 98 -17.80 7.07 8.85
N ARG A 99 -18.81 6.66 8.07
CA ARG A 99 -20.10 6.11 8.57
C ARG A 99 -19.79 4.84 9.38
N GLU A 100 -20.62 4.54 10.39
CA GLU A 100 -20.37 3.40 11.26
C GLU A 100 -20.35 2.08 10.50
N GLU A 101 -21.23 1.95 9.49
CA GLU A 101 -21.25 0.78 8.63
C GLU A 101 -19.88 0.50 8.03
N GLU A 102 -19.30 1.53 7.39
CA GLU A 102 -18.01 1.44 6.73
C GLU A 102 -16.86 1.29 7.72
N ALA A 103 -16.91 2.06 8.81
CA ALA A 103 -15.90 2.04 9.86
C ALA A 103 -15.80 0.67 10.52
N ALA A 104 -16.95 0.03 10.73
CA ALA A 104 -17.04 -1.28 11.37
C ALA A 104 -16.34 -2.36 10.53
N ARG A 105 -16.61 -2.36 9.22
CA ARG A 105 -15.97 -3.27 8.22
C ARG A 105 -14.45 -3.10 8.29
N LEU A 106 -13.96 -1.86 8.17
CA LEU A 106 -12.53 -1.57 8.11
C LEU A 106 -11.82 -1.84 9.43
N PHE A 107 -12.41 -1.38 10.54
CA PHE A 107 -11.78 -1.51 11.86
C PHE A 107 -11.65 -2.98 12.30
N TYR A 108 -12.62 -3.82 11.89
CA TYR A 108 -12.63 -5.29 12.16
C TYR A 108 -11.40 -5.93 11.51
N GLN A 109 -11.03 -5.46 10.31
CA GLN A 109 -9.84 -5.95 9.61
C GLN A 109 -8.58 -5.49 10.32
N ILE A 110 -8.57 -4.24 10.77
CA ILE A 110 -7.46 -3.65 11.51
C ILE A 110 -7.20 -4.40 12.82
N ALA A 111 -8.28 -4.64 13.59
CA ALA A 111 -8.21 -5.36 14.86
C ALA A 111 -7.79 -6.82 14.68
N SER A 112 -8.31 -7.47 13.63
CA SER A 112 -7.95 -8.85 13.28
C SER A 112 -6.46 -8.99 13.02
N ALA A 113 -5.89 -8.01 12.29
CA ALA A 113 -4.46 -7.97 12.00
C ALA A 113 -3.64 -7.89 13.28
N VAL A 114 -4.04 -6.98 14.18
CA VAL A 114 -3.37 -6.80 15.46
C VAL A 114 -3.54 -8.03 16.35
N ALA A 115 -4.74 -8.62 16.34
CA ALA A 115 -5.01 -9.84 17.11
C ALA A 115 -4.12 -10.99 16.65
N HIS A 116 -3.88 -11.06 15.33
CA HIS A 116 -2.99 -12.07 14.74
C HIS A 116 -1.54 -11.90 15.20
N CYS A 117 -1.07 -10.65 15.25
CA CYS A 117 0.28 -10.32 15.71
C CYS A 117 0.51 -10.65 17.18
N HIS A 118 -0.41 -10.19 18.04
CA HIS A 118 -0.33 -10.40 19.48
C HIS A 118 -0.34 -11.88 19.82
N ASP A 119 -1.32 -12.60 19.27
CA ASP A 119 -1.52 -14.03 19.52
C ASP A 119 -0.42 -14.90 18.89
N GLY A 120 0.35 -14.31 17.95
CA GLY A 120 1.52 -14.94 17.35
C GLY A 120 2.85 -14.55 17.99
N GLY A 121 2.80 -13.68 19.02
CA GLY A 121 3.95 -13.28 19.80
C GLY A 121 4.72 -12.06 19.29
N LEU A 122 3.99 -11.07 18.77
CA LEU A 122 4.57 -9.80 18.33
C LEU A 122 3.77 -8.62 18.86
N VAL A 123 4.46 -7.53 19.19
CA VAL A 123 3.85 -6.24 19.48
C VAL A 123 4.37 -5.23 18.46
N LEU A 124 3.47 -4.37 17.97
CA LEU A 124 3.77 -3.48 16.85
C LEU A 124 4.52 -2.23 17.27
N ARG A 125 4.10 -1.63 18.40
CA ARG A 125 4.74 -0.48 19.08
C ARG A 125 4.43 0.86 18.37
N ASP A 126 4.29 0.86 17.04
CA ASP A 126 4.16 2.08 16.25
C ASP A 126 2.85 2.18 15.45
N LEU A 127 1.75 1.70 16.03
CA LEU A 127 0.45 1.65 15.35
C LEU A 127 -0.14 3.04 15.05
N LYS A 128 -0.45 3.28 13.77
CA LYS A 128 -1.14 4.49 13.30
C LYS A 128 -2.10 4.12 12.18
N LEU A 129 -2.98 5.06 11.82
CA LEU A 129 -3.87 4.91 10.67
C LEU A 129 -3.07 4.75 9.38
N ARG A 130 -2.03 5.59 9.24
CA ARG A 130 -1.10 5.61 8.07
C ARG A 130 -0.53 4.20 7.82
N LYS A 131 -0.30 3.42 8.88
CA LYS A 131 0.26 2.07 8.77
C LYS A 131 -0.64 1.03 8.11
N PHE A 132 -1.92 1.36 7.93
CA PHE A 132 -2.88 0.48 7.27
C PHE A 132 -3.27 1.00 5.89
N ILE A 133 -3.09 0.13 4.88
CA ILE A 133 -3.21 0.49 3.47
C ILE A 133 -4.15 -0.47 2.75
N PHE A 134 -4.85 0.05 1.74
CA PHE A 134 -5.89 -0.68 1.02
C PHE A 134 -5.32 -1.71 0.04
N LYS A 135 -5.96 -2.87 -0.03
CA LYS A 135 -5.56 -3.99 -0.89
C LYS A 135 -6.16 -3.90 -2.30
N ASP A 136 -7.35 -3.29 -2.40
CA ASP A 136 -8.10 -3.17 -3.65
C ASP A 136 -8.34 -1.72 -4.05
N GLU A 137 -8.67 -1.51 -5.33
CA GLU A 137 -9.01 -0.19 -5.88
C GLU A 137 -10.23 0.42 -5.20
N GLU A 138 -11.21 -0.44 -4.84
CA GLU A 138 -12.46 0.00 -4.23
C GLU A 138 -12.30 0.40 -2.77
N ARG A 139 -11.11 0.15 -2.21
CA ARG A 139 -10.71 0.56 -0.84
C ARG A 139 -11.72 0.00 0.18
N THR A 140 -11.98 -1.32 0.11
CA THR A 140 -12.83 -2.03 1.05
C THR A 140 -12.03 -2.96 1.97
N ARG A 141 -10.86 -3.39 1.50
CA ARG A 141 -9.95 -4.32 2.21
C ARG A 141 -8.65 -3.58 2.57
N VAL A 142 -8.18 -3.74 3.82
CA VAL A 142 -6.95 -3.11 4.29
C VAL A 142 -5.98 -4.14 4.80
N LYS A 143 -4.71 -3.74 4.91
CA LYS A 143 -3.65 -4.57 5.45
C LYS A 143 -2.61 -3.72 6.18
N LEU A 144 -2.03 -4.29 7.23
CA LEU A 144 -0.89 -3.72 7.92
C LEU A 144 0.26 -3.67 6.90
N GLU A 145 0.85 -2.50 6.72
CA GLU A 145 1.84 -2.25 5.67
C GLU A 145 3.04 -3.18 5.76
N SER A 146 3.61 -3.31 6.96
CA SER A 146 4.68 -4.27 7.24
C SER A 146 4.90 -4.49 8.73
N LEU A 147 5.74 -5.47 9.05
CA LEU A 147 6.09 -5.83 10.42
C LEU A 147 7.57 -5.56 10.73
N GLU A 148 8.22 -4.79 9.85
CA GLU A 148 9.67 -4.52 9.91
C GLU A 148 10.14 -4.09 11.30
N ASP A 149 9.38 -3.18 11.92
CA ASP A 149 9.74 -2.58 13.21
C ASP A 149 8.95 -3.14 14.40
N ALA A 150 8.29 -4.29 14.20
CA ALA A 150 7.59 -5.01 15.25
C ALA A 150 8.62 -5.69 16.16
N TYR A 151 8.28 -5.80 17.44
CA TYR A 151 9.14 -6.42 18.49
C TYR A 151 8.70 -7.88 18.72
N ILE A 152 9.64 -8.82 18.63
CA ILE A 152 9.38 -10.23 18.82
C ILE A 152 9.53 -10.60 20.29
N LEU A 153 8.44 -11.03 20.91
CA LEU A 153 8.41 -11.38 22.32
C LEU A 153 9.22 -12.65 22.57
N ARG A 154 10.08 -12.61 23.59
CA ARG A 154 10.93 -13.75 24.04
C ARG A 154 10.12 -14.55 25.08
N GLY A 155 9.20 -15.39 24.60
CA GLY A 155 8.31 -16.17 25.44
C GLY A 155 6.93 -15.53 25.55
N ASP A 156 6.37 -15.54 26.76
CA ASP A 156 5.03 -15.03 27.05
C ASP A 156 5.05 -13.53 27.32
N ASP A 157 5.96 -13.11 28.20
CA ASP A 157 6.04 -11.74 28.71
C ASP A 157 6.12 -10.68 27.61
N ASP A 158 5.18 -9.72 27.65
CA ASP A 158 5.11 -8.62 26.68
C ASP A 158 5.54 -7.27 27.30
N SER A 159 6.33 -7.33 28.38
CA SER A 159 6.80 -6.13 29.07
C SER A 159 7.83 -5.39 28.22
N LEU A 160 7.63 -4.07 28.09
CA LEU A 160 8.54 -3.19 27.37
C LEU A 160 9.00 -2.09 28.31
N SER A 161 10.28 -1.73 28.20
CA SER A 161 10.92 -0.70 29.03
C SER A 161 11.00 0.63 28.29
N ASP A 162 11.41 0.58 27.01
CA ASP A 162 11.57 1.75 26.16
C ASP A 162 10.23 2.36 25.74
N LYS A 163 10.13 3.69 25.83
CA LYS A 163 8.95 4.43 25.36
C LYS A 163 8.95 4.50 23.83
N HIS A 164 7.86 4.00 23.23
CA HIS A 164 7.64 4.03 21.79
C HIS A 164 6.26 4.59 21.47
N GLY A 165 6.11 5.15 20.26
CA GLY A 165 4.83 5.51 19.71
C GLY A 165 4.76 6.92 19.14
N CYS A 166 3.88 7.11 18.16
CA CYS A 166 3.55 8.43 17.63
C CYS A 166 2.73 9.14 18.70
N PRO A 167 3.06 10.39 19.07
CA PRO A 167 2.48 11.05 20.26
C PRO A 167 0.96 10.91 20.45
N ALA A 168 0.18 11.00 19.36
CA ALA A 168 -1.28 10.93 19.42
C ALA A 168 -1.82 9.56 19.87
N TYR A 169 -1.05 8.51 19.60
CA TYR A 169 -1.42 7.09 19.82
C TYR A 169 -0.77 6.55 21.10
N VAL A 170 0.01 7.37 21.80
CA VAL A 170 0.72 6.95 23.02
C VAL A 170 -0.25 6.80 24.18
N SER A 171 -0.18 5.66 24.87
CA SER A 171 -1.07 5.35 25.99
C SER A 171 -0.58 6.00 27.28
N PRO A 172 -1.46 6.22 28.28
CA PRO A 172 -1.06 6.83 29.56
C PRO A 172 0.01 6.02 30.30
N GLU A 173 0.03 4.70 30.12
CA GLU A 173 0.96 3.81 30.82
C GLU A 173 2.40 4.03 30.39
N ILE A 174 2.58 4.40 29.11
CA ILE A 174 3.89 4.66 28.53
C ILE A 174 4.47 5.95 29.12
N LEU A 175 3.62 6.98 29.23
CA LEU A 175 4.04 8.32 29.63
C LEU A 175 4.52 8.36 31.08
N ASN A 176 3.64 7.92 31.99
CA ASN A 176 3.96 7.86 33.42
C ASN A 176 4.43 6.46 33.83
N THR A 177 5.46 5.97 33.13
CA THR A 177 6.04 4.65 33.38
C THR A 177 7.24 4.75 34.31
N SER A 178 7.34 3.77 35.22
CA SER A 178 8.50 3.59 36.08
C SER A 178 9.12 2.24 35.73
N GLY A 179 9.51 2.10 34.45
CA GLY A 179 10.12 0.90 33.92
C GLY A 179 9.23 0.17 32.93
N SER A 180 8.69 -0.98 33.36
CA SER A 180 7.94 -1.90 32.50
C SER A 180 6.49 -1.46 32.28
N TYR A 181 5.95 -1.82 31.11
CA TYR A 181 4.53 -1.68 30.72
C TYR A 181 4.18 -2.76 29.70
N SER A 182 2.88 -3.10 29.58
CA SER A 182 2.41 -4.11 28.64
C SER A 182 2.31 -3.54 27.23
N GLY A 183 3.08 -4.13 26.31
CA GLY A 183 3.08 -3.74 24.91
C GLY A 183 1.76 -3.99 24.19
N LYS A 184 1.08 -5.08 24.56
CA LYS A 184 -0.18 -5.47 23.95
C LYS A 184 -1.30 -4.50 24.31
N ALA A 185 -1.37 -4.16 25.61
CA ALA A 185 -2.31 -3.14 26.10
C ALA A 185 -2.09 -1.81 25.40
N ALA A 186 -0.83 -1.48 25.12
CA ALA A 186 -0.44 -0.24 24.44
C ALA A 186 -0.90 -0.21 23.00
N ASP A 187 -0.72 -1.34 22.31
CA ASP A 187 -1.21 -1.51 20.94
C ASP A 187 -2.73 -1.40 20.89
N VAL A 188 -3.42 -1.93 21.91
CA VAL A 188 -4.88 -1.86 22.00
C VAL A 188 -5.34 -0.41 22.22
N TRP A 189 -4.64 0.31 23.10
CA TRP A 189 -4.89 1.74 23.29
C TRP A 189 -4.90 2.48 21.96
N SER A 190 -3.87 2.22 21.14
CA SER A 190 -3.71 2.82 19.81
C SER A 190 -4.88 2.50 18.89
N LEU A 191 -5.38 1.25 18.97
CA LEU A 191 -6.56 0.82 18.21
C LEU A 191 -7.79 1.67 18.56
N GLY A 192 -7.91 2.03 19.85
CA GLY A 192 -8.97 2.92 20.33
C GLY A 192 -8.92 4.28 19.69
N VAL A 193 -7.71 4.84 19.57
CA VAL A 193 -7.48 6.15 18.97
C VAL A 193 -7.87 6.13 17.49
N MET A 194 -7.42 5.09 16.78
CA MET A 194 -7.76 4.88 15.37
C MET A 194 -9.27 4.85 15.16
N LEU A 195 -9.95 4.03 15.98
CA LEU A 195 -11.40 3.86 15.89
C LEU A 195 -12.13 5.17 16.10
N TYR A 196 -11.74 5.94 17.13
CA TYR A 196 -12.28 7.27 17.45
C TYR A 196 -12.09 8.19 16.23
N THR A 197 -10.84 8.30 15.76
CA THR A 197 -10.46 9.17 14.66
C THR A 197 -11.22 8.89 13.36
N MET A 198 -11.47 7.60 13.09
CA MET A 198 -12.22 7.15 11.92
C MET A 198 -13.68 7.61 11.99
N LEU A 199 -14.29 7.41 13.16
CA LEU A 199 -15.70 7.71 13.40
C LEU A 199 -15.99 9.22 13.57
N VAL A 200 -15.10 9.90 14.31
CA VAL A 200 -15.28 11.32 14.66
C VAL A 200 -14.68 12.28 13.61
N GLY A 201 -13.52 11.91 13.06
CA GLY A 201 -12.85 12.69 12.01
C GLY A 201 -11.74 13.59 12.51
N ARG A 202 -11.41 13.46 13.81
CA ARG A 202 -10.29 14.17 14.48
C ARG A 202 -9.78 13.30 15.64
N TYR A 203 -8.55 13.53 16.08
CA TYR A 203 -7.89 12.75 17.18
C TYR A 203 -8.65 13.00 18.49
N PRO A 204 -8.75 11.99 19.38
CA PRO A 204 -9.36 12.18 20.69
C PRO A 204 -8.53 13.13 21.58
N PHE A 205 -7.21 13.02 21.49
CA PHE A 205 -6.27 13.88 22.22
C PHE A 205 -5.45 14.69 21.23
N HIS A 206 -5.53 16.03 21.36
CA HIS A 206 -4.79 16.96 20.53
C HIS A 206 -4.54 18.24 21.32
N ASP A 207 -3.48 18.96 20.94
CA ASP A 207 -3.11 20.22 21.59
C ASP A 207 -2.12 20.99 20.71
N ILE A 208 -1.55 22.06 21.26
CA ILE A 208 -0.57 22.89 20.56
C ILE A 208 0.78 22.18 20.54
N GLU A 209 1.20 21.67 21.70
CA GLU A 209 2.50 21.01 21.86
C GLU A 209 2.41 19.71 22.66
N PRO A 210 3.42 18.81 22.53
CA PRO A 210 3.35 17.47 23.14
C PRO A 210 3.04 17.44 24.63
N SER A 211 3.71 18.29 25.43
CA SER A 211 3.59 18.29 26.88
C SER A 211 2.14 18.50 27.34
N SER A 212 1.43 19.41 26.66
CA SER A 212 0.02 19.67 26.93
C SER A 212 -0.85 18.51 26.42
N LEU A 213 -0.47 17.93 25.27
CA LEU A 213 -1.10 16.74 24.72
C LEU A 213 -1.02 15.55 25.68
N PHE A 214 0.17 15.34 26.25
CA PHE A 214 0.43 14.25 27.20
C PHE A 214 -0.27 14.43 28.54
N SER A 215 -0.64 15.67 28.88
CA SER A 215 -1.43 15.97 30.08
C SER A 215 -2.86 15.46 29.89
N LYS A 216 -3.45 15.76 28.73
CA LYS A 216 -4.80 15.34 28.37
C LYS A 216 -4.95 13.82 28.36
N ILE A 217 -3.92 13.13 27.87
CA ILE A 217 -3.89 11.67 27.80
C ILE A 217 -3.84 11.06 29.21
N ARG A 218 -2.90 11.55 30.02
CA ARG A 218 -2.69 11.12 31.44
C ARG A 218 -3.99 11.21 32.22
N ARG A 219 -4.78 12.27 32.00
CA ARG A 219 -6.03 12.57 32.77
C ARG A 219 -7.25 11.98 32.05
N GLY A 220 -7.15 11.69 30.75
CA GLY A 220 -8.25 11.16 29.97
C GLY A 220 -9.24 12.23 29.53
N GLN A 221 -8.71 13.37 29.07
CA GLN A 221 -9.51 14.49 28.61
C GLN A 221 -9.87 14.30 27.13
N PHE A 222 -10.95 13.55 26.89
CA PHE A 222 -11.54 13.43 25.56
C PHE A 222 -13.05 13.24 25.64
N ASN A 223 -13.74 13.69 24.59
CA ASN A 223 -15.20 13.63 24.51
C ASN A 223 -15.62 12.87 23.26
N ILE A 224 -16.68 12.06 23.39
CA ILE A 224 -17.27 11.33 22.27
C ILE A 224 -18.55 12.06 21.84
N PRO A 225 -18.71 12.39 20.54
CA PRO A 225 -19.96 12.92 20.04
C PRO A 225 -21.18 12.04 20.39
N GLU A 226 -22.30 12.66 20.77
CA GLU A 226 -23.54 11.98 21.10
C GLU A 226 -24.14 11.25 19.90
N THR A 227 -23.82 11.72 18.69
CA THR A 227 -24.33 11.17 17.43
C THR A 227 -23.92 9.71 17.15
N LEU A 228 -22.77 9.29 17.68
CA LEU A 228 -22.33 7.90 17.55
C LEU A 228 -23.26 6.96 18.33
N SER A 229 -23.42 5.74 17.82
CA SER A 229 -24.36 4.78 18.38
C SER A 229 -23.89 4.32 19.75
N PRO A 230 -24.81 3.91 20.65
CA PRO A 230 -24.43 3.44 21.99
C PRO A 230 -23.32 2.37 21.95
N LYS A 231 -23.40 1.44 20.99
CA LYS A 231 -22.43 0.36 20.85
C LYS A 231 -21.06 0.87 20.43
N ALA A 232 -21.03 1.81 19.48
CA ALA A 232 -19.80 2.47 19.06
C ALA A 232 -19.13 3.14 20.25
N LYS A 233 -19.91 3.94 21.00
CA LYS A 233 -19.45 4.60 22.22
C LYS A 233 -18.94 3.61 23.26
N CYS A 234 -19.67 2.50 23.44
CA CYS A 234 -19.33 1.46 24.39
C CYS A 234 -17.97 0.82 24.07
N LEU A 235 -17.71 0.59 22.78
CA LEU A 235 -16.46 -0.01 22.32
C LEU A 235 -15.28 0.93 22.57
N ILE A 236 -15.45 2.21 22.19
CA ILE A 236 -14.46 3.26 22.40
C ILE A 236 -13.98 3.28 23.85
N ARG A 237 -14.93 3.31 24.79
CA ARG A 237 -14.68 3.44 26.25
C ARG A 237 -14.10 2.13 26.82
N SER A 238 -14.43 0.98 26.23
CA SER A 238 -13.87 -0.31 26.63
C SER A 238 -12.39 -0.45 26.28
N ILE A 239 -11.87 0.50 25.47
CA ILE A 239 -10.45 0.60 25.14
C ILE A 239 -9.81 1.81 25.83
N LEU A 240 -10.33 3.00 25.53
CA LEU A 240 -9.70 4.27 25.91
C LEU A 240 -9.96 4.74 27.34
N ARG A 241 -11.06 4.28 27.95
CA ARG A 241 -11.46 4.66 29.33
C ARG A 241 -11.27 3.46 30.27
N ARG A 242 -10.22 2.66 30.05
CA ARG A 242 -9.90 1.45 30.86
C ARG A 242 -8.39 1.37 31.12
N GLU A 243 -8.02 0.96 32.34
CA GLU A 243 -6.67 0.63 32.75
C GLU A 243 -6.34 -0.73 32.11
N PRO A 244 -5.07 -1.00 31.70
CA PRO A 244 -4.73 -2.22 30.97
C PRO A 244 -5.43 -3.50 31.44
N SER A 245 -5.49 -3.72 32.76
CA SER A 245 -6.09 -4.92 33.34
C SER A 245 -7.60 -5.05 33.07
N GLU A 246 -8.29 -3.91 32.93
CA GLU A 246 -9.72 -3.85 32.63
C GLU A 246 -10.00 -3.65 31.13
N ARG A 247 -8.96 -3.23 30.39
CA ARG A 247 -9.02 -2.88 28.95
C ARG A 247 -9.17 -4.15 28.10
N LEU A 248 -9.99 -4.10 27.04
CA LEU A 248 -10.14 -5.19 26.09
C LEU A 248 -8.80 -5.60 25.47
N THR A 249 -8.72 -6.86 25.03
CA THR A 249 -7.61 -7.34 24.23
C THR A 249 -8.00 -7.26 22.76
N SER A 250 -7.00 -7.28 21.88
CA SER A 250 -7.20 -7.18 20.44
C SER A 250 -8.19 -8.24 19.93
N GLN A 251 -8.09 -9.45 20.48
CA GLN A 251 -8.99 -10.55 20.12
C GLN A 251 -10.41 -10.31 20.63
N GLU A 252 -10.52 -9.85 21.89
CA GLU A 252 -11.81 -9.56 22.53
C GLU A 252 -12.62 -8.47 21.81
N ILE A 253 -11.91 -7.52 21.18
CA ILE A 253 -12.52 -6.46 20.38
C ILE A 253 -13.44 -7.04 19.29
N LEU A 254 -13.03 -8.15 18.69
CA LEU A 254 -13.72 -8.77 17.57
C LEU A 254 -15.11 -9.31 17.92
N ASP A 255 -15.30 -9.68 19.21
CA ASP A 255 -16.57 -10.20 19.71
C ASP A 255 -17.59 -9.11 20.07
N HIS A 256 -17.18 -7.83 20.00
CA HIS A 256 -18.00 -6.73 20.47
C HIS A 256 -19.30 -6.61 19.67
N PRO A 257 -20.45 -6.36 20.33
CA PRO A 257 -21.74 -6.24 19.64
C PRO A 257 -21.84 -5.19 18.52
N TRP A 258 -20.94 -4.19 18.51
CA TRP A 258 -20.99 -3.10 17.54
C TRP A 258 -20.89 -3.61 16.10
N PHE A 259 -19.98 -4.56 15.88
CA PHE A 259 -19.76 -5.16 14.55
C PHE A 259 -20.98 -5.94 14.05
N SER A 260 -21.78 -6.47 14.98
CA SER A 260 -22.96 -7.28 14.66
C SER A 260 -24.22 -6.47 14.31
N THR A 261 -24.15 -5.14 14.45
CA THR A 261 -25.23 -4.20 14.13
C THR A 261 -25.66 -4.32 12.66
N ASP A 262 -26.93 -4.00 12.39
CA ASP A 262 -27.52 -4.12 11.04
C ASP A 262 -27.22 -2.94 10.10
N PHE A 263 -27.07 -1.73 10.67
CA PHE A 263 -26.72 -0.52 9.92
C PHE A 263 -27.74 -0.17 8.82
N GLN B 3 13.96 -4.67 -34.18
CA GLN B 3 13.33 -4.50 -35.52
C GLN B 3 11.81 -4.25 -35.39
N LEU B 4 11.47 -3.17 -34.69
CA LEU B 4 10.10 -2.79 -34.37
C LEU B 4 9.56 -1.72 -35.33
N GLN B 5 8.63 -2.14 -36.20
CA GLN B 5 7.96 -1.25 -37.14
C GLN B 5 6.60 -0.83 -36.57
N GLU B 6 6.39 0.48 -36.42
CA GLU B 6 5.20 1.04 -35.76
C GLU B 6 4.47 2.09 -36.59
N SER B 7 3.23 2.39 -36.20
CA SER B 7 2.33 3.30 -36.90
C SER B 7 1.36 4.00 -35.94
N GLY B 8 0.55 4.91 -36.48
CA GLY B 8 -0.61 5.46 -35.80
C GLY B 8 -0.57 6.90 -35.32
N GLY B 9 0.56 7.59 -35.58
CA GLY B 9 0.74 8.97 -35.15
C GLY B 9 -0.19 9.93 -35.85
N GLY B 10 -0.80 10.85 -35.07
CA GLY B 10 -1.73 11.83 -35.60
C GLY B 10 -2.06 12.97 -34.64
N LEU B 11 -2.76 13.98 -35.16
CA LEU B 11 -3.20 15.15 -34.40
C LEU B 11 -4.71 15.06 -34.17
N VAL B 12 -5.17 15.54 -33.02
CA VAL B 12 -6.56 15.38 -32.58
C VAL B 12 -7.03 16.45 -31.58
N GLN B 13 -8.32 16.77 -31.63
CA GLN B 13 -8.96 17.70 -30.69
C GLN B 13 -9.03 17.07 -29.30
N ALA B 14 -9.04 17.93 -28.27
CA ALA B 14 -9.13 17.49 -26.87
C ALA B 14 -10.46 16.78 -26.61
N GLY B 15 -10.40 15.46 -26.42
CA GLY B 15 -11.56 14.60 -26.23
C GLY B 15 -11.71 13.50 -27.28
N GLY B 16 -10.91 13.58 -28.35
CA GLY B 16 -10.96 12.62 -29.45
C GLY B 16 -10.29 11.29 -29.13
N SER B 17 -9.73 10.65 -30.16
CA SER B 17 -9.08 9.35 -30.04
C SER B 17 -8.07 9.04 -31.14
N LEU B 18 -6.94 8.46 -30.75
CA LEU B 18 -5.93 7.89 -31.66
C LEU B 18 -5.79 6.40 -31.38
N ARG B 19 -5.16 5.69 -32.31
CA ARG B 19 -4.81 4.25 -32.20
C ARG B 19 -3.38 4.06 -32.72
N LEU B 20 -2.52 3.42 -31.90
CA LEU B 20 -1.15 3.09 -32.26
C LEU B 20 -1.02 1.59 -32.44
N SER B 21 -0.09 1.18 -33.33
CA SER B 21 0.17 -0.21 -33.62
C SER B 21 1.67 -0.42 -33.83
N CYS B 22 2.16 -1.60 -33.44
CA CYS B 22 3.56 -1.97 -33.63
C CYS B 22 3.72 -3.48 -33.76
N ALA B 23 4.54 -3.90 -34.74
CA ALA B 23 4.82 -5.31 -35.03
C ALA B 23 6.31 -5.57 -35.02
N ALA B 24 6.69 -6.83 -34.71
CA ALA B 24 8.07 -7.28 -34.71
C ALA B 24 8.17 -8.61 -35.43
N SER B 25 8.92 -8.64 -36.54
CA SER B 25 9.14 -9.83 -37.36
C SER B 25 10.59 -10.29 -37.25
N GLY B 26 10.92 -10.88 -36.10
CA GLY B 26 12.24 -11.42 -35.82
C GLY B 26 12.17 -12.58 -34.84
N ASN B 27 13.35 -12.93 -34.28
CA ASN B 27 13.47 -14.02 -33.31
C ASN B 27 13.32 -13.48 -31.88
N ILE B 28 12.08 -13.10 -31.52
CA ILE B 28 11.74 -12.69 -30.16
C ILE B 28 11.04 -13.83 -29.45
N SER B 29 11.14 -13.84 -28.11
CA SER B 29 10.55 -14.88 -27.28
C SER B 29 9.03 -14.85 -27.37
N ALA B 30 8.41 -16.03 -27.16
CA ALA B 30 6.96 -16.17 -27.07
C ALA B 30 6.44 -15.53 -25.78
N GLN B 31 7.27 -15.58 -24.73
CA GLN B 31 6.95 -15.05 -23.40
C GLN B 31 7.23 -13.55 -23.24
N ALA B 32 7.73 -12.91 -24.32
CA ALA B 32 8.16 -11.52 -24.29
C ALA B 32 7.02 -10.55 -23.92
N TYR B 33 7.31 -9.68 -22.94
CA TYR B 33 6.41 -8.57 -22.50
C TYR B 33 6.41 -7.49 -23.57
N MET B 34 5.31 -6.75 -23.70
CA MET B 34 5.18 -5.66 -24.65
C MET B 34 4.42 -4.51 -24.04
N GLY B 35 4.83 -3.29 -24.38
CA GLY B 35 4.24 -2.08 -23.85
C GLY B 35 4.68 -0.83 -24.58
N TRP B 36 4.08 0.30 -24.19
CA TRP B 36 4.36 1.61 -24.76
C TRP B 36 4.79 2.56 -23.65
N TYR B 37 5.90 3.26 -23.89
CA TYR B 37 6.40 4.40 -23.07
C TYR B 37 6.07 5.71 -23.78
N ARG B 38 6.12 6.84 -23.07
CA ARG B 38 6.04 8.21 -23.64
C ARG B 38 6.93 9.15 -22.82
N GLN B 39 7.52 10.16 -23.48
CA GLN B 39 8.46 11.08 -22.86
C GLN B 39 7.86 12.47 -22.61
N ALA B 40 7.73 13.26 -23.68
CA ALA B 40 7.36 14.69 -23.61
C ALA B 40 8.50 15.53 -23.01
N LYS B 43 10.19 16.41 -19.96
CA LYS B 43 9.65 15.30 -19.19
C LYS B 43 10.39 13.99 -19.52
N GLU B 44 10.27 13.01 -18.61
CA GLU B 44 10.98 11.73 -18.69
C GLU B 44 10.09 10.59 -19.20
N ARG B 45 10.73 9.48 -19.58
CA ARG B 45 10.07 8.29 -20.20
C ARG B 45 9.35 7.49 -19.11
N GLU B 46 8.01 7.50 -19.13
CA GLU B 46 7.18 6.68 -18.24
C GLU B 46 6.37 5.68 -19.07
N LEU B 47 6.12 4.50 -18.49
CA LEU B 47 5.32 3.45 -19.11
C LEU B 47 3.84 3.76 -18.94
N VAL B 48 3.15 3.99 -20.06
CA VAL B 48 1.72 4.30 -20.07
C VAL B 48 0.84 3.05 -20.07
N ALA B 49 1.30 2.00 -20.76
CA ALA B 49 0.56 0.76 -20.90
C ALA B 49 1.48 -0.41 -21.25
N GLY B 50 1.16 -1.58 -20.70
CA GLY B 50 1.91 -2.81 -20.96
C GLY B 50 0.97 -4.00 -20.95
N ILE B 51 1.43 -5.12 -21.52
CA ILE B 51 0.62 -6.33 -21.64
C ILE B 51 1.49 -7.59 -21.78
N SER B 52 1.25 -8.56 -20.89
CA SER B 52 1.92 -9.85 -20.92
C SER B 52 1.30 -10.75 -21.99
N TYR B 53 2.04 -11.81 -22.36
CA TYR B 53 1.65 -12.80 -23.40
C TYR B 53 0.40 -13.57 -22.96
N GLY B 54 0.06 -13.55 -21.67
CA GLY B 54 -1.21 -14.05 -21.16
C GLY B 54 -2.31 -12.98 -21.08
N ALA B 55 -2.08 -11.84 -21.75
CA ALA B 55 -3.07 -10.77 -21.92
C ALA B 55 -3.37 -9.90 -20.68
N THR B 56 -2.65 -10.13 -19.58
CA THR B 56 -2.79 -9.30 -18.37
C THR B 56 -2.03 -8.00 -18.58
N THR B 57 -2.71 -6.87 -18.34
CA THR B 57 -2.19 -5.54 -18.68
C THR B 57 -1.86 -4.69 -17.47
N TYR B 58 -1.08 -3.63 -17.72
CA TYR B 58 -0.77 -2.53 -16.77
C TYR B 58 -1.11 -1.19 -17.43
N TYR B 59 -1.63 -0.23 -16.65
CA TYR B 59 -1.94 1.15 -17.09
C TYR B 59 -1.38 2.14 -16.06
N ALA B 60 -0.90 3.30 -16.55
CA ALA B 60 -0.49 4.41 -15.69
C ALA B 60 -1.73 5.04 -15.11
N ASP B 61 -1.67 5.42 -13.83
CA ASP B 61 -2.81 5.98 -13.09
C ASP B 61 -3.53 7.10 -13.83
N SER B 62 -2.77 7.93 -14.57
CA SER B 62 -3.32 9.04 -15.34
C SER B 62 -4.21 8.59 -16.50
N VAL B 63 -3.90 7.43 -17.09
CA VAL B 63 -4.60 6.93 -18.28
C VAL B 63 -5.52 5.73 -18.05
N LYS B 64 -5.79 5.39 -16.78
CA LYS B 64 -6.67 4.29 -16.42
C LYS B 64 -8.11 4.61 -16.83
N GLY B 65 -8.73 3.69 -17.59
CA GLY B 65 -10.09 3.84 -18.08
C GLY B 65 -10.19 4.50 -19.44
N ARG B 66 -9.21 5.36 -19.76
CA ARG B 66 -9.14 6.16 -21.01
C ARG B 66 -8.42 5.35 -22.11
N PHE B 67 -7.25 4.79 -21.78
CA PHE B 67 -6.41 4.04 -22.71
C PHE B 67 -6.69 2.55 -22.63
N THR B 68 -6.41 1.83 -23.71
CA THR B 68 -6.55 0.38 -23.80
C THR B 68 -5.43 -0.21 -24.64
N ILE B 69 -4.92 -1.38 -24.21
CA ILE B 69 -3.83 -2.08 -24.88
C ILE B 69 -4.22 -3.54 -25.14
N SER B 70 -3.71 -4.09 -26.24
CA SER B 70 -3.96 -5.48 -26.63
C SER B 70 -2.91 -5.95 -27.64
N ARG B 71 -2.52 -7.21 -27.55
CA ARG B 71 -1.50 -7.85 -28.43
C ARG B 71 -2.14 -9.00 -29.22
N ASP B 72 -1.71 -9.16 -30.48
CA ASP B 72 -2.09 -10.29 -31.32
C ASP B 72 -0.87 -11.20 -31.44
N ASN B 73 -0.87 -12.28 -30.65
CA ASN B 73 0.24 -13.24 -30.59
C ASN B 73 0.56 -13.90 -31.95
N ALA B 74 -0.48 -14.05 -32.79
CA ALA B 74 -0.35 -14.60 -34.13
C ALA B 74 0.54 -13.72 -35.01
N LYS B 75 0.09 -12.47 -35.24
CA LYS B 75 0.85 -11.48 -36.01
C LYS B 75 2.12 -11.03 -35.30
N ASN B 76 2.15 -11.21 -33.97
CA ASN B 76 3.25 -10.77 -33.11
C ASN B 76 3.33 -9.24 -33.14
N THR B 77 2.24 -8.61 -32.71
CA THR B 77 2.05 -7.16 -32.77
C THR B 77 1.18 -6.68 -31.61
N VAL B 78 1.41 -5.44 -31.19
CA VAL B 78 0.69 -4.83 -30.07
C VAL B 78 0.13 -3.47 -30.45
N TYR B 79 -1.12 -3.21 -30.02
CA TYR B 79 -1.91 -2.00 -30.35
C TYR B 79 -2.19 -1.21 -29.06
N LEU B 80 -2.31 0.13 -29.18
CA LEU B 80 -2.62 1.01 -28.06
C LEU B 80 -3.75 1.97 -28.44
N GLN B 81 -4.99 1.57 -28.10
CA GLN B 81 -6.18 2.39 -28.33
C GLN B 81 -6.32 3.39 -27.19
N MET B 82 -6.45 4.67 -27.54
CA MET B 82 -6.57 5.76 -26.56
C MET B 82 -7.75 6.67 -26.91
N ASN B 83 -8.55 7.00 -25.89
CA ASN B 83 -9.76 7.82 -26.04
C ASN B 83 -9.78 8.95 -25.03
N SER B 84 -10.67 9.93 -25.25
CA SER B 84 -10.75 11.17 -24.46
C SER B 84 -9.36 11.78 -24.26
N LEU B 85 -8.68 12.06 -25.37
CA LEU B 85 -7.30 12.55 -25.37
C LEU B 85 -7.18 13.93 -24.73
N LYS B 86 -6.44 13.99 -23.61
CA LYS B 86 -6.21 15.23 -22.86
C LYS B 86 -5.12 16.03 -23.56
N PRO B 87 -4.98 17.34 -23.28
CA PRO B 87 -3.88 18.14 -23.84
C PRO B 87 -2.50 17.70 -23.29
N GLU B 88 -2.47 17.22 -22.04
CA GLU B 88 -1.25 16.78 -21.38
C GLU B 88 -0.61 15.51 -21.98
N ASP B 89 -1.43 14.70 -22.67
CA ASP B 89 -0.99 13.44 -23.26
C ASP B 89 -0.04 13.60 -24.46
N THR B 90 0.11 14.84 -24.96
CA THR B 90 1.00 15.17 -26.06
C THR B 90 2.45 14.76 -25.78
N ALA B 91 2.94 13.78 -26.56
CA ALA B 91 4.31 13.28 -26.45
C ALA B 91 4.64 12.32 -27.60
N VAL B 92 5.91 11.89 -27.64
CA VAL B 92 6.37 10.82 -28.53
C VAL B 92 6.22 9.50 -27.79
N TYR B 93 5.55 8.54 -28.43
CA TYR B 93 5.21 7.19 -27.88
C TYR B 93 6.13 6.13 -28.49
N TYR B 94 7.04 5.58 -27.68
CA TYR B 94 8.01 4.51 -28.07
C TYR B 94 7.46 3.15 -27.67
N CYS B 95 7.34 2.23 -28.64
CA CYS B 95 7.00 0.85 -28.35
C CYS B 95 8.22 0.09 -27.87
N ALA B 96 8.02 -0.79 -26.88
CA ALA B 96 9.08 -1.59 -26.30
C ALA B 96 8.66 -3.06 -26.24
N VAL B 97 9.64 -3.95 -26.48
CA VAL B 97 9.47 -5.39 -26.34
C VAL B 97 10.64 -5.94 -25.53
N ILE B 98 10.31 -6.62 -24.42
CA ILE B 98 11.28 -7.05 -23.42
C ILE B 98 11.21 -8.56 -23.23
N SER B 99 12.38 -9.18 -23.02
CA SER B 99 12.52 -10.61 -22.79
C SER B 99 13.33 -10.87 -21.51
N ALA B 100 13.23 -12.10 -20.99
CA ALA B 100 13.94 -12.53 -19.78
C ALA B 100 13.91 -14.05 -19.64
N GLY B 107 19.67 -14.15 -23.12
CA GLY B 107 19.30 -13.99 -21.72
C GLY B 107 18.23 -12.93 -21.52
N TYR B 108 18.65 -11.66 -21.61
CA TYR B 108 17.81 -10.45 -21.42
C TYR B 108 17.90 -9.56 -22.67
N HIS B 109 16.73 -9.20 -23.24
CA HIS B 109 16.64 -8.34 -24.41
C HIS B 109 15.64 -7.22 -24.15
N PHE B 110 15.86 -6.07 -24.80
CA PHE B 110 15.06 -4.86 -24.61
C PHE B 110 15.18 -4.03 -25.88
N TYR B 111 14.18 -4.14 -26.75
CA TYR B 111 14.13 -3.48 -28.09
C TYR B 111 13.21 -2.25 -28.02
N TRP B 112 13.67 -1.12 -28.57
CA TRP B 112 12.89 0.11 -28.66
C TRP B 112 12.41 0.34 -30.09
N GLY B 113 11.37 1.17 -30.23
CA GLY B 113 10.87 1.65 -31.51
C GLY B 113 11.42 3.04 -31.80
N GLN B 114 11.36 3.44 -33.08
CA GLN B 114 11.90 4.73 -33.52
C GLN B 114 11.22 5.93 -32.86
N GLY B 115 9.90 5.84 -32.67
CA GLY B 115 9.10 6.87 -32.03
C GLY B 115 7.96 7.35 -32.93
N THR B 116 6.74 7.37 -32.38
CA THR B 116 5.55 7.82 -33.07
C THR B 116 4.96 9.03 -32.34
N GLN B 117 5.08 10.21 -32.95
CA GLN B 117 4.59 11.46 -32.38
C GLN B 117 3.06 11.54 -32.48
N VAL B 118 2.44 12.09 -31.42
CA VAL B 118 1.00 12.32 -31.38
C VAL B 118 0.74 13.58 -30.53
N THR B 119 -0.01 14.52 -31.12
CA THR B 119 -0.26 15.85 -30.55
C THR B 119 -1.74 16.04 -30.24
N VAL B 120 -2.03 16.85 -29.23
CA VAL B 120 -3.39 17.23 -28.85
C VAL B 120 -3.48 18.75 -28.71
N SER B 121 -4.59 19.32 -29.19
CA SER B 121 -4.85 20.76 -29.14
C SER B 121 -6.35 21.05 -29.22
#